data_3PPT
#
_entry.id   3PPT
#
_cell.length_a   40.322
_cell.length_b   49.599
_cell.length_c   60.492
_cell.angle_alpha   90.00
_cell.angle_beta   90.00
_cell.angle_gamma   90.00
#
_symmetry.space_group_name_H-M   'P 21 21 21'
#
loop_
_entity.id
_entity.type
_entity.pdbx_description
1 polymer ReP1-NCXSQ
2 non-polymer 'PALMITOLEIC ACID'
3 water water
#
_entity_poly.entity_id   1
_entity_poly.type   'polypeptide(L)'
_entity_poly.pdbx_seq_one_letter_code
;AADLAGKWILESSENFDDYMKAVGVGMVMRKMANAATPTQEIKIDGDSWSIKTSTTFKTTDISFTIGQEFDETTGDGRKI
KTTCKIDGNAMIQDQKGSPDSILSREVKDGKMHMILKVNDVVCTRIYKRVDLE
;
_entity_poly.pdbx_strand_id   A
#
loop_
_chem_comp.id
_chem_comp.type
_chem_comp.name
_chem_comp.formula
PAM non-polymer 'PALMITOLEIC ACID' 'C16 H30 O2'
#
# COMPACT_ATOMS: atom_id res chain seq x y z
N ALA A 1 2.67 5.44 14.58
CA ALA A 1 2.90 4.68 13.35
C ALA A 1 4.37 4.40 13.10
N ALA A 2 5.24 4.81 14.03
CA ALA A 2 6.69 4.73 13.85
C ALA A 2 7.21 3.30 13.66
N ASP A 3 6.50 2.32 14.20
CA ASP A 3 6.92 0.94 14.06
C ASP A 3 6.66 0.31 12.69
N LEU A 4 6.06 1.07 11.78
CA LEU A 4 5.93 0.61 10.39
C LEU A 4 7.30 0.52 9.71
N ALA A 5 8.29 1.21 10.27
CA ALA A 5 9.64 1.14 9.70
C ALA A 5 10.16 -0.29 9.67
N GLY A 6 10.82 -0.62 8.57
CA GLY A 6 11.50 -1.90 8.43
C GLY A 6 11.09 -2.59 7.15
N LYS A 7 11.23 -3.91 7.12
CA LYS A 7 10.91 -4.69 5.93
C LYS A 7 9.78 -5.67 6.24
N TRP A 8 8.91 -5.85 5.25
CA TRP A 8 7.69 -6.61 5.39
C TRP A 8 7.49 -7.49 4.16
N ILE A 9 6.91 -8.66 4.33
CA ILE A 9 6.59 -9.51 3.17
C ILE A 9 5.15 -10.03 3.29
N LEU A 10 4.44 -10.10 2.16
CA LEU A 10 3.03 -10.45 2.19
C LEU A 10 2.81 -11.83 2.76
N GLU A 11 1.87 -11.95 3.69
CA GLU A 11 1.47 -13.25 4.24
C GLU A 11 0.06 -13.69 3.82
N SER A 12 -0.89 -12.76 3.84
N SER A 12 -0.89 -12.75 3.84
CA SER A 12 -2.25 -13.09 3.45
CA SER A 12 -2.28 -13.05 3.51
C SER A 12 -2.94 -11.93 2.76
C SER A 12 -2.90 -11.92 2.70
N SER A 13 -3.95 -12.25 1.96
CA SER A 13 -4.67 -11.25 1.19
C SER A 13 -6.12 -11.65 1.03
N GLU A 14 -7.01 -10.66 1.16
CA GLU A 14 -8.43 -10.86 0.97
C GLU A 14 -8.99 -9.74 0.09
N ASN A 15 -9.63 -10.14 -1.01
N ASN A 15 -9.68 -10.12 -0.99
CA ASN A 15 -10.37 -9.25 -1.90
CA ASN A 15 -10.38 -9.17 -1.88
C ASN A 15 -9.50 -8.30 -2.74
C ASN A 15 -9.51 -8.29 -2.78
N PHE A 16 -8.25 -8.66 -2.97
CA PHE A 16 -7.35 -7.83 -3.79
C PHE A 16 -7.79 -7.78 -5.24
N ASP A 17 -8.33 -8.88 -5.78
CA ASP A 17 -8.74 -8.88 -7.17
C ASP A 17 -9.88 -7.86 -7.41
N ASP A 18 -10.87 -7.84 -6.52
CA ASP A 18 -11.94 -6.86 -6.67
C ASP A 18 -11.44 -5.42 -6.50
N TYR A 19 -10.46 -5.20 -5.61
CA TYR A 19 -9.83 -3.89 -5.47
C TYR A 19 -9.23 -3.48 -6.82
N MET A 20 -8.42 -4.37 -7.41
CA MET A 20 -7.80 -4.06 -8.69
C MET A 20 -8.82 -3.84 -9.81
N LYS A 21 -9.89 -4.64 -9.85
CA LYS A 21 -10.94 -4.42 -10.85
C LYS A 21 -11.56 -3.03 -10.68
N ALA A 22 -11.76 -2.60 -9.44
CA ALA A 22 -12.42 -1.32 -9.17
C ALA A 22 -11.55 -0.16 -9.63
N VAL A 23 -10.22 -0.31 -9.60
CA VAL A 23 -9.36 0.78 -10.05
C VAL A 23 -8.97 0.64 -11.53
N GLY A 24 -9.42 -0.45 -12.17
CA GLY A 24 -9.27 -0.58 -13.61
C GLY A 24 -8.08 -1.38 -14.11
N VAL A 25 -7.46 -2.18 -13.24
CA VAL A 25 -6.31 -2.98 -13.66
C VAL A 25 -6.74 -4.04 -14.67
N GLY A 26 -5.95 -4.18 -15.73
CA GLY A 26 -6.22 -5.14 -16.78
C GLY A 26 -5.98 -6.57 -16.38
N MET A 27 -6.43 -7.48 -17.22
CA MET A 27 -6.40 -8.90 -16.91
CA MET A 27 -6.40 -8.90 -16.89
C MET A 27 -5.00 -9.46 -16.64
N VAL A 28 -4.05 -9.16 -17.52
CA VAL A 28 -2.72 -9.72 -17.39
C VAL A 28 -2.03 -9.19 -16.12
N MET A 29 -2.15 -7.90 -15.88
N MET A 29 -2.17 -7.90 -15.85
N MET A 29 -2.14 -7.90 -15.87
CA MET A 29 -1.54 -7.31 -14.70
CA MET A 29 -1.57 -7.35 -14.64
CA MET A 29 -1.51 -7.32 -14.69
C MET A 29 -2.18 -7.84 -13.43
C MET A 29 -2.23 -7.89 -13.38
C MET A 29 -2.32 -7.59 -13.43
N ARG A 30 -3.50 -8.05 -13.44
N ARG A 30 -3.54 -8.13 -13.42
CA ARG A 30 -4.14 -8.66 -12.28
CA ARG A 30 -4.21 -8.73 -12.27
C ARG A 30 -3.62 -10.08 -12.02
C ARG A 30 -3.65 -10.11 -11.94
N LYS A 31 -3.40 -10.84 -13.09
N LYS A 31 -3.41 -10.92 -12.97
CA LYS A 31 -2.84 -12.19 -12.94
CA LYS A 31 -2.82 -12.25 -12.77
C LYS A 31 -1.51 -12.11 -12.20
C LYS A 31 -1.47 -12.11 -12.06
N MET A 32 -0.64 -11.22 -12.64
N MET A 32 -0.62 -11.25 -12.59
CA MET A 32 0.69 -11.07 -12.03
CA MET A 32 0.71 -11.04 -12.03
C MET A 32 0.60 -10.57 -10.58
C MET A 32 0.64 -10.53 -10.60
N ALA A 33 -0.23 -9.55 -10.36
CA ALA A 33 -0.34 -8.95 -9.06
C ALA A 33 -0.97 -9.89 -8.04
N ASN A 34 -2.00 -10.64 -8.44
CA ASN A 34 -2.61 -11.60 -7.53
C ASN A 34 -1.62 -12.67 -7.08
N ALA A 35 -0.75 -13.10 -8.00
CA ALA A 35 0.21 -14.16 -7.72
C ALA A 35 1.45 -13.67 -6.99
N ALA A 36 1.63 -12.36 -6.91
CA ALA A 36 2.84 -11.80 -6.34
C ALA A 36 2.93 -11.98 -4.82
N THR A 37 4.16 -11.94 -4.33
CA THR A 37 4.42 -11.91 -2.89
C THR A 37 5.30 -10.69 -2.62
N PRO A 38 4.69 -9.50 -2.61
N PRO A 38 4.69 -9.49 -2.62
CA PRO A 38 5.49 -8.28 -2.51
CA PRO A 38 5.49 -8.28 -2.54
C PRO A 38 6.16 -8.09 -1.17
C PRO A 38 6.16 -8.08 -1.19
N THR A 39 7.27 -7.36 -1.20
CA THR A 39 7.85 -6.82 0.01
C THR A 39 7.59 -5.32 0.06
N GLN A 40 7.51 -4.79 1.27
CA GLN A 40 7.51 -3.34 1.48
C GLN A 40 8.66 -3.01 2.39
N GLU A 41 9.46 -2.02 2.00
N GLU A 41 9.41 -1.98 2.03
CA GLU A 41 10.48 -1.49 2.89
CA GLU A 41 10.46 -1.45 2.87
C GLU A 41 10.14 -0.04 3.18
C GLU A 41 10.14 -0.02 3.18
N ILE A 42 9.98 0.25 4.46
CA ILE A 42 9.50 1.54 4.92
C ILE A 42 10.58 2.18 5.77
N LYS A 43 10.93 3.42 5.41
CA LYS A 43 11.91 4.20 6.16
C LYS A 43 11.24 5.46 6.67
N ILE A 44 11.60 5.85 7.89
CA ILE A 44 11.01 7.01 8.52
C ILE A 44 12.11 7.83 9.18
N ASP A 45 12.13 9.12 8.87
CA ASP A 45 13.05 10.06 9.52
C ASP A 45 12.22 11.29 9.89
N GLY A 46 11.82 11.38 11.15
CA GLY A 46 10.94 12.45 11.58
C GLY A 46 9.61 12.32 10.87
N ASP A 47 9.22 13.34 10.11
CA ASP A 47 7.98 13.26 9.33
C ASP A 47 8.24 12.95 7.86
N SER A 48 9.46 12.52 7.55
N SER A 48 9.44 12.48 7.56
CA SER A 48 9.80 12.09 6.20
CA SER A 48 9.82 12.10 6.20
C SER A 48 9.69 10.57 6.10
C SER A 48 9.76 10.57 6.06
N TRP A 49 9.02 10.10 5.06
CA TRP A 49 8.81 8.67 4.84
C TRP A 49 9.23 8.26 3.45
N SER A 50 9.64 7.00 3.32
CA SER A 50 9.71 6.38 2.00
C SER A 50 9.19 4.95 2.07
N ILE A 51 8.55 4.53 1.00
CA ILE A 51 8.04 3.16 0.91
C ILE A 51 8.36 2.58 -0.44
N LYS A 52 9.13 1.49 -0.43
CA LYS A 52 9.47 0.75 -1.64
C LYS A 52 8.69 -0.56 -1.63
N THR A 53 7.87 -0.77 -2.65
CA THR A 53 7.11 -2.02 -2.78
C THR A 53 7.67 -2.77 -3.97
N SER A 54 8.17 -3.98 -3.73
CA SER A 54 8.91 -4.73 -4.75
C SER A 54 8.24 -6.06 -5.08
N THR A 55 8.21 -6.39 -6.38
CA THR A 55 7.81 -7.71 -6.86
C THR A 55 8.78 -8.12 -7.95
N THR A 56 8.58 -9.30 -8.53
CA THR A 56 9.46 -9.75 -9.60
C THR A 56 9.27 -8.99 -10.90
N PHE A 57 8.13 -8.30 -11.04
CA PHE A 57 7.76 -7.67 -12.32
C PHE A 57 7.63 -6.16 -12.25
N LYS A 58 7.55 -5.58 -11.05
CA LYS A 58 7.32 -4.14 -10.88
C LYS A 58 7.70 -3.70 -9.48
N THR A 59 8.34 -2.54 -9.39
CA THR A 59 8.64 -1.90 -8.11
C THR A 59 8.08 -0.49 -8.10
N THR A 60 7.49 -0.08 -6.99
CA THR A 60 7.10 1.30 -6.78
C THR A 60 7.92 1.89 -5.65
N ASP A 61 8.19 3.19 -5.78
CA ASP A 61 8.89 3.94 -4.75
C ASP A 61 8.16 5.24 -4.54
N ILE A 62 7.87 5.56 -3.29
CA ILE A 62 7.36 6.88 -2.99
C ILE A 62 8.10 7.45 -1.79
N SER A 63 8.25 8.77 -1.79
N SER A 63 8.22 8.77 -1.79
CA SER A 63 8.77 9.46 -0.61
CA SER A 63 8.80 9.50 -0.67
C SER A 63 7.94 10.71 -0.40
C SER A 63 7.88 10.68 -0.41
N PHE A 64 7.69 11.03 0.86
CA PHE A 64 6.76 12.10 1.19
C PHE A 64 7.00 12.63 2.58
N THR A 65 6.40 13.78 2.83
CA THR A 65 6.35 14.39 4.14
C THR A 65 4.92 14.26 4.63
N ILE A 66 4.74 13.81 5.87
CA ILE A 66 3.41 13.71 6.44
C ILE A 66 2.69 15.06 6.34
N GLY A 67 1.46 15.03 5.83
CA GLY A 67 0.64 16.22 5.72
C GLY A 67 0.79 17.01 4.43
N GLN A 68 1.75 16.62 3.59
CA GLN A 68 2.04 17.37 2.36
C GLN A 68 1.60 16.58 1.11
N GLU A 69 0.65 17.14 0.38
N GLU A 69 0.63 17.12 0.37
CA GLU A 69 0.15 16.56 -0.85
CA GLU A 69 0.14 16.44 -0.81
C GLU A 69 1.30 16.34 -1.84
C GLU A 69 1.24 16.35 -1.87
N PHE A 70 1.29 15.22 -2.55
CA PHE A 70 2.32 14.96 -3.55
C PHE A 70 1.77 14.13 -4.72
N ASP A 71 2.45 14.21 -5.87
CA ASP A 71 2.07 13.41 -7.03
C ASP A 71 2.56 11.98 -6.89
N GLU A 72 1.66 11.03 -7.10
CA GLU A 72 2.01 9.62 -7.05
C GLU A 72 1.54 8.93 -8.33
N THR A 73 2.36 8.01 -8.84
N THR A 73 2.34 7.99 -8.83
CA THR A 73 1.93 7.11 -9.89
CA THR A 73 1.89 7.12 -9.91
C THR A 73 1.88 5.73 -9.29
C THR A 73 1.89 5.68 -9.43
N THR A 74 0.71 5.10 -9.33
CA THR A 74 0.55 3.79 -8.71
C THR A 74 1.24 2.69 -9.52
N GLY A 75 1.36 1.51 -8.93
CA GLY A 75 2.02 0.40 -9.59
C GLY A 75 1.40 0.03 -10.93
N ASP A 76 0.09 0.18 -11.02
CA ASP A 76 -0.64 -0.11 -12.25
C ASP A 76 -0.70 1.07 -13.21
N GLY A 77 -0.15 2.22 -12.80
CA GLY A 77 0.03 3.36 -13.69
C GLY A 77 -0.95 4.50 -13.57
N ARG A 78 -1.73 4.56 -12.50
CA ARG A 78 -2.67 5.66 -12.33
C ARG A 78 -1.97 6.88 -11.75
N LYS A 79 -2.24 8.05 -12.30
CA LYS A 79 -1.69 9.29 -11.78
C LYS A 79 -2.67 9.86 -10.77
N ILE A 80 -2.20 10.04 -9.53
CA ILE A 80 -3.05 10.49 -8.45
C ILE A 80 -2.36 11.54 -7.60
N LYS A 81 -3.15 12.20 -6.75
N LYS A 81 -3.13 12.21 -6.73
CA LYS A 81 -2.62 13.13 -5.76
CA LYS A 81 -2.57 13.15 -5.78
C LYS A 81 -2.79 12.49 -4.40
C LYS A 81 -2.80 12.61 -4.38
N THR A 82 -1.71 12.38 -3.66
CA THR A 82 -1.72 11.65 -2.41
C THR A 82 -1.33 12.52 -1.24
N THR A 83 -2.03 12.32 -0.12
CA THR A 83 -1.65 12.95 1.14
C THR A 83 -1.63 11.91 2.23
N CYS A 84 -0.53 11.87 2.97
CA CYS A 84 -0.37 10.89 4.04
C CYS A 84 -0.44 11.56 5.41
N LYS A 85 -1.11 10.90 6.34
N LYS A 85 -1.09 10.91 6.36
CA LYS A 85 -1.30 11.41 7.69
CA LYS A 85 -1.17 11.44 7.70
C LYS A 85 -1.06 10.31 8.72
C LYS A 85 -1.04 10.33 8.72
N ILE A 86 -0.78 10.72 9.96
CA ILE A 86 -0.64 9.77 11.05
C ILE A 86 -1.90 9.87 11.91
N ASP A 87 -2.51 8.73 12.21
CA ASP A 87 -3.63 8.68 13.13
C ASP A 87 -3.33 7.62 14.18
N GLY A 88 -2.68 8.04 15.26
CA GLY A 88 -2.27 7.13 16.31
C GLY A 88 -1.35 6.05 15.78
N ASN A 89 -1.84 4.81 15.85
CA ASN A 89 -1.09 3.65 15.41
C ASN A 89 -0.96 3.51 13.90
N ALA A 90 -1.81 4.22 13.15
CA ALA A 90 -1.91 4.03 11.71
C ALA A 90 -1.32 5.17 10.90
N MET A 91 -0.82 4.84 9.71
CA MET A 91 -0.46 5.85 8.72
C MET A 91 -1.44 5.65 7.58
N ILE A 92 -2.11 6.74 7.19
CA ILE A 92 -3.16 6.71 6.19
C ILE A 92 -2.70 7.42 4.93
N GLN A 93 -2.81 6.74 3.79
CA GLN A 93 -2.39 7.27 2.49
C GLN A 93 -3.68 7.54 1.71
N ASP A 94 -4.06 8.82 1.60
N ASP A 94 -4.06 8.82 1.62
N ASP A 94 -4.08 8.81 1.66
CA ASP A 94 -5.31 9.22 0.97
CA ASP A 94 -5.31 9.21 0.97
CA ASP A 94 -5.29 9.21 0.96
C ASP A 94 -5.08 9.65 -0.47
C ASP A 94 -5.06 9.63 -0.47
C ASP A 94 -4.95 9.54 -0.48
N GLN A 95 -5.63 8.89 -1.41
CA GLN A 95 -5.34 9.07 -2.83
C GLN A 95 -6.52 9.67 -3.57
N LYS A 96 -6.26 10.75 -4.31
CA LYS A 96 -7.29 11.41 -5.11
C LYS A 96 -7.02 11.19 -6.57
N GLY A 97 -8.03 10.71 -7.28
CA GLY A 97 -7.92 10.49 -8.71
C GLY A 97 -9.19 9.88 -9.22
N SER A 98 -9.08 9.07 -10.27
N SER A 98 -9.07 9.06 -10.26
CA SER A 98 -10.24 8.41 -10.84
CA SER A 98 -10.24 8.41 -10.83
C SER A 98 -10.01 6.90 -10.88
C SER A 98 -10.01 6.91 -10.88
N PRO A 99 -10.43 6.19 -9.84
CA PRO A 99 -11.14 6.69 -8.66
C PRO A 99 -10.25 7.08 -7.47
N ASP A 100 -10.88 7.62 -6.43
CA ASP A 100 -10.20 7.87 -5.16
C ASP A 100 -10.02 6.54 -4.43
N SER A 101 -9.01 6.49 -3.57
N SER A 101 -8.94 6.46 -3.65
CA SER A 101 -8.79 5.31 -2.75
CA SER A 101 -8.67 5.33 -2.76
C SER A 101 -8.13 5.69 -1.43
C SER A 101 -8.14 5.86 -1.44
N ILE A 102 -8.40 4.91 -0.40
N ILE A 102 -8.17 4.99 -0.43
CA ILE A 102 -7.77 5.10 0.91
CA ILE A 102 -7.52 5.28 0.82
C ILE A 102 -6.96 3.86 1.27
C ILE A 102 -6.87 4.01 1.39
N LEU A 103 -5.69 4.07 1.60
N LEU A 103 -5.54 4.06 1.56
CA LEU A 103 -4.80 2.99 1.99
CA LEU A 103 -4.76 2.89 1.97
C LEU A 103 -4.32 3.25 3.41
C LEU A 103 -4.19 3.10 3.37
N SER A 104 -4.58 2.30 4.31
N SER A 104 -4.61 2.26 4.30
CA SER A 104 -4.10 2.45 5.68
CA SER A 104 -4.16 2.36 5.68
C SER A 104 -3.13 1.32 6.01
C SER A 104 -3.09 1.30 5.98
N ARG A 105 -2.14 1.64 6.84
CA ARG A 105 -1.16 0.66 7.33
C ARG A 105 -1.05 0.83 8.82
N GLU A 106 -1.06 -0.28 9.55
CA GLU A 106 -0.77 -0.21 10.97
C GLU A 106 -0.27 -1.56 11.43
N VAL A 107 0.58 -1.56 12.45
CA VAL A 107 1.11 -2.80 12.99
C VAL A 107 0.26 -3.23 14.19
N LYS A 108 -0.23 -4.46 14.10
N LYS A 108 -0.20 -4.48 14.16
CA LYS A 108 -1.07 -5.05 15.14
CA LYS A 108 -0.89 -5.04 15.30
C LYS A 108 -0.55 -6.46 15.39
C LYS A 108 -0.24 -6.38 15.63
N ASP A 109 -0.28 -6.77 16.66
N ASP A 109 0.23 -6.51 16.88
CA ASP A 109 0.25 -8.08 17.02
CA ASP A 109 0.90 -7.73 17.32
C ASP A 109 1.48 -8.45 16.19
C ASP A 109 2.01 -8.14 16.35
N GLY A 110 2.32 -7.46 15.89
N GLY A 110 2.74 -7.14 15.87
CA GLY A 110 3.58 -7.68 15.19
CA GLY A 110 3.87 -7.42 15.02
C GLY A 110 3.53 -7.69 13.67
C GLY A 110 3.60 -7.61 13.54
N LYS A 111 2.33 -7.67 13.12
CA LYS A 111 2.07 -7.77 11.69
C LYS A 111 1.50 -6.50 11.11
N MET A 112 1.91 -6.16 9.89
CA MET A 112 1.38 -4.95 9.27
C MET A 112 0.09 -5.28 8.54
N HIS A 113 -0.99 -4.64 8.97
CA HIS A 113 -2.27 -4.75 8.29
C HIS A 113 -2.40 -3.56 7.35
N MET A 114 -2.51 -3.87 6.05
CA MET A 114 -2.74 -2.86 5.04
C MET A 114 -4.16 -3.02 4.53
N ILE A 115 -4.97 -1.99 4.71
CA ILE A 115 -6.37 -2.02 4.26
C ILE A 115 -6.52 -1.04 3.10
N LEU A 116 -7.03 -1.55 1.99
CA LEU A 116 -7.18 -0.76 0.77
C LEU A 116 -8.67 -0.62 0.49
N LYS A 117 -9.12 0.62 0.41
N LYS A 117 -9.13 0.62 0.40
CA LYS A 117 -10.53 0.92 0.16
CA LYS A 117 -10.56 0.86 0.16
C LYS A 117 -10.68 1.67 -1.16
C LYS A 117 -10.78 1.73 -1.08
N VAL A 118 -11.69 1.28 -1.94
CA VAL A 118 -12.05 2.03 -3.14
C VAL A 118 -13.53 1.78 -3.35
N ASN A 119 -14.30 2.84 -3.58
CA ASN A 119 -15.73 2.72 -3.73
C ASN A 119 -16.28 1.85 -2.61
N ASP A 120 -16.94 0.75 -2.95
CA ASP A 120 -17.48 -0.13 -1.92
C ASP A 120 -16.65 -1.37 -1.62
N VAL A 121 -15.43 -1.40 -2.14
CA VAL A 121 -14.56 -2.55 -1.98
C VAL A 121 -13.59 -2.31 -0.83
N VAL A 122 -13.43 -3.33 0.00
CA VAL A 122 -12.40 -3.31 1.04
C VAL A 122 -11.51 -4.52 0.85
N CYS A 123 -10.20 -4.28 0.82
CA CYS A 123 -9.22 -5.34 0.67
C CYS A 123 -8.29 -5.30 1.87
N THR A 124 -7.99 -6.47 2.42
CA THR A 124 -7.09 -6.55 3.57
C THR A 124 -5.89 -7.39 3.21
N ARG A 125 -4.70 -6.82 3.40
N ARG A 125 -4.72 -6.77 3.32
CA ARG A 125 -3.45 -7.52 3.12
CA ARG A 125 -3.44 -7.46 3.10
C ARG A 125 -2.54 -7.44 4.34
C ARG A 125 -2.75 -7.53 4.45
N ILE A 126 -2.11 -8.61 4.80
N ILE A 126 -2.15 -8.68 4.75
CA ILE A 126 -1.37 -8.70 6.04
CA ILE A 126 -1.43 -8.83 6.01
C ILE A 126 0.04 -9.14 5.69
C ILE A 126 0.01 -9.22 5.72
N TYR A 127 1.00 -8.39 6.22
N TYR A 127 0.94 -8.45 6.28
CA TYR A 127 2.42 -8.61 5.99
CA TYR A 127 2.36 -8.66 6.05
C TYR A 127 3.12 -9.02 7.28
C TYR A 127 3.06 -9.10 7.33
N LYS A 128 4.06 -9.95 7.17
CA LYS A 128 4.89 -10.40 8.28
C LYS A 128 6.20 -9.64 8.21
N ARG A 129 6.79 -9.31 9.36
CA ARG A 129 8.06 -8.59 9.36
CA ARG A 129 8.06 -8.59 9.36
C ARG A 129 9.19 -9.50 8.91
N VAL A 130 10.11 -8.95 8.13
CA VAL A 130 11.37 -9.61 7.81
C VAL A 130 12.42 -8.91 8.66
N ASP A 131 13.09 -9.66 9.54
CA ASP A 131 14.09 -9.04 10.41
C ASP A 131 15.28 -8.56 9.57
N LEU A 132 15.73 -7.33 9.84
CA LEU A 132 16.88 -6.76 9.14
C LEU A 132 18.12 -6.80 10.01
N GLU A 133 19.11 -7.58 9.56
CA GLU A 133 20.34 -7.86 10.32
C GLU A 133 20.02 -8.63 11.60
C1 PAM B . 0.24 -3.98 -1.61
O1 PAM B . 1.16 -3.17 -1.33
O2 PAM B . 0.21 -5.13 -1.09
C2 PAM B . -0.86 -3.60 -2.58
C3 PAM B . -0.58 -2.30 -3.33
C4 PAM B . -1.70 -2.01 -4.34
C5 PAM B . -1.33 -0.80 -5.20
C6 PAM B . -2.40 -0.39 -6.21
C7 PAM B . -2.77 -1.54 -7.15
C8 PAM B . -1.57 -1.99 -7.97
C9 PAM B . -1.96 -3.14 -8.86
C10 PAM B . -1.09 -3.74 -9.67
C11 PAM B . 0.36 -3.32 -9.75
C12 PAM B . 1.25 -4.49 -9.37
C13 PAM B . 1.86 -4.32 -7.99
C14 PAM B . 2.96 -3.27 -8.02
C15 PAM B . 3.64 -3.19 -6.66
C16 PAM B . 5.14 -3.05 -6.82
#